data_6O3K
#
_entry.id   6O3K
#
_cell.length_a   52.358
_cell.length_b   64.984
_cell.length_c   68.005
_cell.angle_alpha   90.00
_cell.angle_beta   105.81
_cell.angle_gamma   90.00
#
_symmetry.space_group_name_H-M   'P 1 21 1'
#
loop_
_entity.id
_entity.type
_entity.pdbx_description
1 polymer 'PGZL1.H4K3 light chain'
2 polymer 'PGZL1.H4K3 heavy chain'
3 non-polymer GLYCEROL
4 non-polymer 'SULFATE ION'
5 water water
#
loop_
_entity_poly.entity_id
_entity_poly.type
_entity_poly.pdbx_seq_one_letter_code
_entity_poly.pdbx_strand_id
1 'polypeptide(L)'
;EIVLTQSPGTFALSPGERATLSCRASQSVSGGALAWYQQKAGQAPRLLIYGTSGRATGVPGRFSGSGSETDFSLTISRLE
PEDFAVYYCQQYGTSQSTFGQGTRLETRRTVAAPSVFIFPPSDEQLKSGTASVVCLLNNFYPREAKVQWKVDNALQSGNS
QESVTEQDSKDSTYSLSSTLTLSKADYEKHKVYACEVTHQGLSSPVTKSFNRGEC
;
L
2 'polypeptide(L)'
;KVQLVQSGAELKKPWSSVRVSCKASGGSFSSYAFNWVRQAPGQRLEWLGGIVPLVSSTNYAQRFRGRVTISADRSTSTVY
LEMTGLTSADTAVYFCAREGEGWFGRPLRAFEFWGQGTLVTVSTASTKGPSVFPLAPSSKSTSGGTAALGCLVKDYFPEP
VTVSWNSGALTSGVHTFPAVLQSSGLYSLSSVVTVPSSSLGTQTYICNVNHKPSNTKVDKKVEPKSC
;
H
#
loop_
_chem_comp.id
_chem_comp.type
_chem_comp.name
_chem_comp.formula
GOL non-polymer GLYCEROL 'C3 H8 O3'
SO4 non-polymer 'SULFATE ION' 'O4 S -2'
#
# COMPACT_ATOMS: atom_id res chain seq x y z
N GLU A 1 -16.57 17.37 13.60
CA GLU A 1 -16.47 17.15 12.16
C GLU A 1 -17.54 16.18 11.70
N ILE A 2 -17.83 16.19 10.40
CA ILE A 2 -18.73 15.20 9.82
C ILE A 2 -17.94 13.93 9.55
N VAL A 3 -18.37 12.83 10.18
CA VAL A 3 -17.69 11.55 10.03
C VAL A 3 -18.39 10.71 8.98
N LEU A 4 -17.62 10.21 8.01
CA LEU A 4 -18.15 9.34 6.97
C LEU A 4 -17.77 7.89 7.24
N THR A 5 -18.76 7.01 7.26
CA THR A 5 -18.52 5.59 7.48
C THR A 5 -18.93 4.79 6.26
N GLN A 6 -17.98 4.08 5.67
CA GLN A 6 -18.25 3.29 4.49
C GLN A 6 -18.56 1.83 4.78
N SER A 7 -19.36 1.22 3.91
N SER A 7 -19.35 1.22 3.90
N SER A 7 -19.36 1.23 3.91
CA SER A 7 -19.70 -0.19 4.03
CA SER A 7 -19.73 -0.18 4.02
CA SER A 7 -19.72 -0.18 4.01
C SER A 7 -19.93 -0.77 2.64
C SER A 7 -19.92 -0.76 2.63
C SER A 7 -19.88 -0.75 2.61
N PRO A 8 -19.47 -2.01 2.41
CA PRO A 8 -18.75 -2.85 3.38
C PRO A 8 -17.29 -2.41 3.49
N GLY A 9 -16.54 -2.96 4.44
CA GLY A 9 -15.14 -2.62 4.57
C GLY A 9 -14.35 -3.26 3.44
N THR A 10 -14.53 -4.56 3.29
CA THR A 10 -13.91 -5.31 2.21
C THR A 10 -14.92 -6.34 1.72
N PHE A 11 -15.12 -6.42 0.41
CA PHE A 11 -16.01 -7.44 -0.14
C PHE A 11 -15.57 -7.90 -1.52
N ALA A 12 -16.10 -9.04 -1.94
CA ALA A 12 -15.67 -9.70 -3.16
C ALA A 12 -16.81 -9.92 -4.12
N LEU A 13 -16.60 -9.53 -5.38
CA LEU A 13 -17.57 -9.78 -6.44
C LEU A 13 -16.83 -10.24 -7.69
N SER A 14 -17.59 -10.67 -8.69
N SER A 14 -17.58 -10.67 -8.70
CA SER A 14 -17.00 -11.15 -9.94
CA SER A 14 -17.00 -11.16 -9.93
C SER A 14 -17.28 -10.18 -11.07
C SER A 14 -17.29 -10.21 -11.08
N PRO A 15 -16.41 -10.14 -12.08
CA PRO A 15 -16.66 -9.33 -13.28
C PRO A 15 -18.02 -9.65 -13.87
N GLY A 16 -18.77 -8.61 -14.24
CA GLY A 16 -20.13 -8.79 -14.75
C GLY A 16 -21.18 -8.45 -13.71
N GLU A 17 -20.82 -8.54 -12.43
CA GLU A 17 -21.78 -8.29 -11.37
C GLU A 17 -21.97 -6.80 -11.06
N ARG A 18 -23.04 -6.49 -10.34
N ARG A 18 -23.04 -6.49 -10.35
CA ARG A 18 -23.33 -5.14 -9.91
CA ARG A 18 -23.31 -5.13 -9.92
C ARG A 18 -22.79 -4.93 -8.51
C ARG A 18 -22.79 -4.92 -8.50
N ALA A 19 -22.02 -3.85 -8.31
CA ALA A 19 -21.49 -3.51 -7.00
C ALA A 19 -22.19 -2.28 -6.45
N THR A 20 -22.60 -2.34 -5.19
CA THR A 20 -23.16 -1.18 -4.51
C THR A 20 -22.35 -0.88 -3.25
N LEU A 21 -21.76 0.31 -3.20
CA LEU A 21 -20.94 0.72 -2.07
C LEU A 21 -21.66 1.82 -1.32
N SER A 22 -21.59 1.81 0.01
CA SER A 22 -22.36 2.75 0.81
C SER A 22 -21.48 3.70 1.62
N CYS A 23 -22.00 4.91 1.84
CA CYS A 23 -21.31 5.93 2.63
C CYS A 23 -22.34 6.62 3.51
N ARG A 24 -22.20 6.47 4.83
CA ARG A 24 -23.11 7.11 5.76
C ARG A 24 -22.43 8.24 6.53
N ALA A 25 -23.06 9.41 6.54
CA ALA A 25 -22.52 10.59 7.22
C ALA A 25 -23.15 10.78 8.60
N SER A 26 -22.37 11.32 9.54
CA SER A 26 -22.84 11.52 10.91
C SER A 26 -23.83 12.69 10.99
N GLN A 27 -23.77 13.58 9.99
CA GLN A 27 -24.71 14.69 9.87
C GLN A 27 -25.05 14.79 8.39
N SER A 28 -26.17 15.43 8.07
N SER A 28 -26.17 15.42 8.07
CA SER A 28 -26.58 15.58 6.68
CA SER A 28 -26.57 15.60 6.68
C SER A 28 -25.55 16.38 5.88
C SER A 28 -25.52 16.37 5.89
N VAL A 29 -25.22 15.89 4.69
CA VAL A 29 -24.26 16.54 3.82
C VAL A 29 -24.95 17.65 3.03
N SER A 30 -24.51 18.88 3.27
N SER A 30 -24.52 18.89 3.27
CA SER A 30 -25.12 20.06 2.67
CA SER A 30 -25.16 20.05 2.67
C SER A 30 -25.11 20.05 1.14
C SER A 30 -25.11 20.05 1.15
N GLY A 31 -26.28 20.19 0.53
CA GLY A 31 -26.40 20.27 -0.91
C GLY A 31 -26.01 19.02 -1.67
N GLY A 32 -25.83 17.90 -0.96
CA GLY A 32 -25.41 16.68 -1.60
C GLY A 32 -24.00 16.79 -2.16
N ALA A 33 -23.18 17.62 -1.50
CA ALA A 33 -21.78 17.77 -1.88
C ALA A 33 -20.99 16.55 -1.41
N LEU A 34 -21.13 15.46 -2.15
CA LEU A 34 -20.53 14.18 -1.80
C LEU A 34 -19.86 13.62 -3.05
N ALA A 35 -18.58 13.29 -2.93
CA ALA A 35 -17.81 12.77 -4.05
C ALA A 35 -17.31 11.35 -3.79
N TRP A 36 -17.03 10.61 -4.87
CA TRP A 36 -16.45 9.29 -4.77
C TRP A 36 -15.15 9.22 -5.57
N TYR A 37 -14.16 8.53 -5.01
CA TYR A 37 -12.86 8.37 -5.64
C TYR A 37 -12.50 6.90 -5.73
N GLN A 38 -11.75 6.57 -6.77
CA GLN A 38 -11.20 5.24 -6.95
C GLN A 38 -9.70 5.32 -6.73
N GLN A 39 -9.12 4.35 -6.03
CA GLN A 39 -7.67 4.35 -5.87
C GLN A 39 -7.07 2.97 -6.03
N LYS A 40 -6.07 2.87 -6.91
CA LYS A 40 -5.34 1.63 -7.11
C LYS A 40 -3.96 1.74 -6.46
N ALA A 41 -3.37 0.59 -6.15
CA ALA A 41 -2.07 0.55 -5.48
C ALA A 41 -1.04 1.44 -6.16
N GLY A 42 -0.44 2.35 -5.39
CA GLY A 42 0.62 3.20 -5.88
C GLY A 42 0.16 4.43 -6.66
N GLN A 43 -1.14 4.54 -6.89
CA GLN A 43 -1.69 5.67 -7.64
C GLN A 43 -2.34 6.71 -6.73
N ALA A 44 -2.41 7.94 -7.23
CA ALA A 44 -3.26 8.95 -6.61
C ALA A 44 -4.73 8.56 -6.82
N PRO A 45 -5.62 9.03 -5.93
CA PRO A 45 -7.04 8.81 -6.13
C PRO A 45 -7.53 9.42 -7.45
N ARG A 46 -8.59 8.85 -8.00
CA ARG A 46 -9.21 9.32 -9.23
C ARG A 46 -10.64 9.68 -8.94
N LEU A 47 -11.03 10.91 -9.28
CA LEU A 47 -12.41 11.36 -9.07
C LEU A 47 -13.36 10.62 -10.01
N LEU A 48 -14.40 10.00 -9.45
CA LEU A 48 -15.41 9.32 -10.25
C LEU A 48 -16.71 10.09 -10.30
N ILE A 49 -17.18 10.48 -9.12
CA ILE A 49 -18.49 11.08 -8.93
C ILE A 49 -18.37 12.34 -8.07
N TYR A 50 -19.09 13.38 -8.43
CA TYR A 50 -19.17 14.59 -7.59
C TYR A 50 -20.62 15.03 -7.44
N GLY A 51 -20.90 15.79 -6.40
CA GLY A 51 -22.25 16.28 -6.15
C GLY A 51 -23.29 15.19 -6.15
N THR A 52 -22.97 14.08 -5.49
CA THR A 52 -23.82 12.90 -5.35
C THR A 52 -23.93 12.03 -6.61
N SER A 53 -24.26 12.64 -7.75
CA SER A 53 -24.58 11.86 -8.94
C SER A 53 -23.92 12.35 -10.23
N GLY A 54 -23.11 13.39 -10.13
CA GLY A 54 -22.39 13.89 -11.29
C GLY A 54 -21.21 12.99 -11.60
N ARG A 55 -20.94 12.77 -12.87
CA ARG A 55 -19.85 11.89 -13.27
C ARG A 55 -18.71 12.72 -13.87
N ALA A 56 -17.48 12.44 -13.46
CA ALA A 56 -16.33 13.20 -13.95
C ALA A 56 -15.98 12.83 -15.39
N THR A 57 -15.34 13.76 -16.09
CA THR A 57 -14.86 13.49 -17.44
C THR A 57 -13.92 12.29 -17.44
N GLY A 58 -14.13 11.38 -18.40
CA GLY A 58 -13.30 10.20 -18.52
C GLY A 58 -13.81 9.00 -17.74
N VAL A 59 -14.89 9.19 -16.98
CA VAL A 59 -15.46 8.12 -16.18
C VAL A 59 -16.61 7.43 -16.92
N PRO A 60 -16.52 6.10 -17.10
CA PRO A 60 -17.51 5.32 -17.85
C PRO A 60 -18.90 5.38 -17.23
N GLY A 61 -19.92 5.17 -18.06
CA GLY A 61 -21.30 5.25 -17.62
C GLY A 61 -21.75 4.19 -16.63
N ARG A 62 -20.96 3.13 -16.47
CA ARG A 62 -21.32 2.07 -15.54
C ARG A 62 -21.21 2.54 -14.08
N PHE A 63 -20.51 3.65 -13.86
CA PHE A 63 -20.44 4.26 -12.53
C PHE A 63 -21.56 5.26 -12.35
N SER A 64 -22.31 5.13 -11.26
CA SER A 64 -23.32 6.12 -10.94
C SER A 64 -23.40 6.34 -9.44
N GLY A 65 -23.90 7.51 -9.05
CA GLY A 65 -24.01 7.87 -7.65
C GLY A 65 -25.42 8.25 -7.28
N SER A 66 -25.79 8.02 -6.03
CA SER A 66 -27.11 8.37 -5.55
C SER A 66 -27.07 8.66 -4.06
N GLY A 67 -28.16 9.20 -3.54
CA GLY A 67 -28.28 9.41 -2.11
C GLY A 67 -28.70 10.81 -1.74
N SER A 68 -28.93 11.02 -0.45
CA SER A 68 -29.31 12.32 0.07
C SER A 68 -29.20 12.28 1.59
N GLU A 69 -29.24 13.45 2.21
CA GLU A 69 -29.17 13.57 3.65
C GLU A 69 -27.89 12.95 4.20
N THR A 70 -28.00 11.77 4.82
CA THR A 70 -26.85 11.11 5.42
C THR A 70 -26.43 9.82 4.71
N ASP A 71 -27.20 9.38 3.73
CA ASP A 71 -26.95 8.10 3.08
C ASP A 71 -26.66 8.23 1.60
N PHE A 72 -25.49 7.76 1.18
CA PHE A 72 -25.07 7.86 -0.21
C PHE A 72 -24.55 6.52 -0.73
N SER A 73 -24.64 6.31 -2.03
N SER A 73 -24.65 6.32 -2.04
CA SER A 73 -24.20 5.06 -2.62
CA SER A 73 -24.23 5.06 -2.63
C SER A 73 -23.53 5.25 -3.97
C SER A 73 -23.53 5.25 -3.98
N LEU A 74 -22.52 4.43 -4.22
CA LEU A 74 -21.86 4.38 -5.51
C LEU A 74 -22.22 3.03 -6.11
N THR A 75 -22.74 3.04 -7.33
CA THR A 75 -23.10 1.80 -7.99
C THR A 75 -22.24 1.59 -9.22
N ILE A 76 -21.68 0.39 -9.35
CA ILE A 76 -21.02 -0.03 -10.58
C ILE A 76 -21.90 -1.09 -11.22
N SER A 77 -22.51 -0.75 -12.35
CA SER A 77 -23.60 -1.56 -12.91
C SER A 77 -23.17 -2.93 -13.41
N ARG A 78 -21.95 -3.01 -13.93
CA ARG A 78 -21.42 -4.23 -14.51
C ARG A 78 -19.91 -4.20 -14.38
N LEU A 79 -19.40 -4.93 -13.40
CA LEU A 79 -17.98 -4.86 -13.06
C LEU A 79 -17.05 -5.34 -14.15
N GLU A 80 -15.99 -4.58 -14.38
N GLU A 80 -16.00 -4.57 -14.38
CA GLU A 80 -14.91 -4.98 -15.27
CA GLU A 80 -14.91 -4.96 -15.27
C GLU A 80 -13.66 -5.18 -14.43
C GLU A 80 -13.68 -5.22 -14.41
N PRO A 81 -12.71 -6.01 -14.91
CA PRO A 81 -11.48 -6.28 -14.15
C PRO A 81 -10.75 -5.02 -13.67
N GLU A 82 -10.83 -3.93 -14.43
CA GLU A 82 -10.15 -2.70 -14.03
C GLU A 82 -10.83 -1.97 -12.87
N ASP A 83 -12.00 -2.46 -12.45
CA ASP A 83 -12.79 -1.78 -11.43
C ASP A 83 -12.48 -2.22 -10.02
N PHE A 84 -11.69 -3.27 -9.88
CA PHE A 84 -11.35 -3.77 -8.56
C PHE A 84 -10.24 -2.93 -7.96
N ALA A 85 -10.58 -2.26 -6.87
CA ALA A 85 -9.76 -1.20 -6.31
C ALA A 85 -10.33 -0.80 -4.96
N VAL A 86 -9.74 0.24 -4.36
CA VAL A 86 -10.27 0.83 -3.14
C VAL A 86 -11.10 2.06 -3.53
N TYR A 87 -12.21 2.27 -2.84
CA TYR A 87 -13.08 3.40 -3.11
C TYR A 87 -13.28 4.24 -1.85
N TYR A 88 -13.23 5.57 -2.02
CA TYR A 88 -13.44 6.51 -0.92
C TYR A 88 -14.56 7.47 -1.22
N CYS A 89 -15.36 7.79 -0.20
CA CYS A 89 -16.29 8.91 -0.31
C CYS A 89 -15.69 10.12 0.39
N GLN A 90 -16.17 11.30 0.01
CA GLN A 90 -15.70 12.56 0.57
C GLN A 90 -16.85 13.54 0.62
N GLN A 91 -17.04 14.20 1.75
CA GLN A 91 -18.02 15.28 1.81
C GLN A 91 -17.28 16.63 1.78
N TYR A 92 -17.82 17.56 1.01
CA TYR A 92 -17.21 18.88 0.89
C TYR A 92 -18.27 19.96 0.97
N GLY A 93 -19.35 19.67 1.71
CA GLY A 93 -20.45 20.60 1.87
C GLY A 93 -20.17 21.64 2.94
N THR A 94 -19.16 21.38 3.76
CA THR A 94 -18.71 22.35 4.74
C THR A 94 -17.22 22.61 4.49
N SER A 95 -16.67 23.62 5.15
N SER A 95 -16.68 23.63 5.14
CA SER A 95 -15.29 24.00 4.94
CA SER A 95 -15.28 24.00 4.93
C SER A 95 -14.33 22.90 5.40
C SER A 95 -14.33 22.90 5.40
N GLN A 96 -14.74 22.14 6.41
CA GLN A 96 -13.94 21.04 6.92
C GLN A 96 -14.28 19.74 6.19
N SER A 97 -13.66 19.53 5.03
CA SER A 97 -13.90 18.34 4.22
CA SER A 97 -13.92 18.33 4.24
C SER A 97 -13.36 17.09 4.91
N THR A 98 -14.05 15.96 4.72
CA THR A 98 -13.62 14.69 5.30
C THR A 98 -13.83 13.54 4.33
N PHE A 99 -13.05 12.48 4.50
CA PHE A 99 -13.13 11.26 3.71
C PHE A 99 -13.61 10.09 4.56
N GLY A 100 -14.25 9.12 3.93
CA GLY A 100 -14.55 7.85 4.57
C GLY A 100 -13.29 7.01 4.73
N GLN A 101 -13.42 5.86 5.37
CA GLN A 101 -12.26 5.04 5.68
C GLN A 101 -11.83 4.13 4.51
N GLY A 102 -12.67 4.07 3.48
CA GLY A 102 -12.38 3.27 2.31
C GLY A 102 -13.10 1.93 2.29
N THR A 103 -13.44 1.50 1.08
CA THR A 103 -14.00 0.18 0.85
C THR A 103 -13.15 -0.52 -0.21
N ARG A 104 -12.66 -1.71 0.11
CA ARG A 104 -11.88 -2.47 -0.86
C ARG A 104 -12.74 -3.49 -1.57
N LEU A 105 -12.80 -3.38 -2.90
CA LEU A 105 -13.55 -4.30 -3.72
C LEU A 105 -12.59 -5.27 -4.40
N GLU A 106 -12.66 -6.54 -4.02
N GLU A 106 -12.70 -6.54 -4.04
CA GLU A 106 -11.77 -7.55 -4.58
CA GLU A 106 -11.79 -7.56 -4.56
C GLU A 106 -12.51 -8.51 -5.50
C GLU A 106 -12.52 -8.56 -5.46
N THR A 107 -11.76 -9.33 -6.22
CA THR A 107 -12.34 -10.29 -7.15
C THR A 107 -12.62 -11.63 -6.47
N ARG A 108 -13.87 -12.08 -6.53
N ARG A 108 -13.88 -12.06 -6.54
CA ARG A 108 -14.23 -13.36 -5.93
CA ARG A 108 -14.26 -13.36 -6.00
C ARG A 108 -13.94 -14.52 -6.88
C ARG A 108 -13.78 -14.46 -6.94
N ARG A 109 -13.28 -15.54 -6.36
CA ARG A 109 -12.94 -16.73 -7.13
C ARG A 109 -13.13 -17.95 -6.24
N THR A 110 -12.89 -19.13 -6.79
CA THR A 110 -13.01 -20.36 -6.01
C THR A 110 -11.91 -20.47 -4.98
N VAL A 111 -12.18 -21.23 -3.92
CA VAL A 111 -11.20 -21.44 -2.86
C VAL A 111 -9.96 -22.13 -3.43
N ALA A 112 -8.79 -21.63 -3.04
CA ALA A 112 -7.52 -22.22 -3.45
C ALA A 112 -6.61 -22.33 -2.24
N ALA A 113 -6.18 -23.55 -1.93
CA ALA A 113 -5.29 -23.80 -0.81
C ALA A 113 -3.89 -23.28 -1.11
N PRO A 114 -3.20 -22.76 -0.09
CA PRO A 114 -1.85 -22.28 -0.34
C PRO A 114 -0.84 -23.41 -0.50
N SER A 115 0.17 -23.18 -1.34
CA SER A 115 1.35 -24.04 -1.37
CA SER A 115 1.34 -24.05 -1.36
C SER A 115 2.34 -23.44 -0.39
N VAL A 116 2.84 -24.27 0.53
CA VAL A 116 3.65 -23.76 1.62
C VAL A 116 5.13 -24.16 1.51
N PHE A 117 6.01 -23.18 1.73
CA PHE A 117 7.45 -23.40 1.69
C PHE A 117 8.11 -22.77 2.90
N ILE A 118 9.13 -23.43 3.44
CA ILE A 118 9.89 -22.88 4.56
C ILE A 118 11.37 -22.72 4.19
N PHE A 119 11.97 -21.62 4.64
CA PHE A 119 13.36 -21.33 4.34
C PHE A 119 14.18 -21.08 5.60
N PRO A 120 15.27 -21.83 5.78
N PRO A 120 15.27 -21.83 5.78
N PRO A 120 15.24 -21.86 5.80
CA PRO A 120 16.17 -21.63 6.92
CA PRO A 120 16.16 -21.62 6.92
CA PRO A 120 16.15 -21.62 6.93
C PRO A 120 16.96 -20.34 6.74
C PRO A 120 16.96 -20.34 6.74
C PRO A 120 16.93 -20.33 6.75
N PRO A 121 17.50 -19.79 7.84
CA PRO A 121 18.36 -18.60 7.72
C PRO A 121 19.62 -18.97 6.96
N SER A 122 20.20 -18.01 6.25
CA SER A 122 21.43 -18.25 5.50
C SER A 122 22.62 -18.23 6.44
N ASP A 123 23.69 -18.94 6.07
CA ASP A 123 24.92 -18.90 6.84
C ASP A 123 25.48 -17.48 6.90
N GLU A 124 25.32 -16.75 5.81
N GLU A 124 25.32 -16.74 5.82
CA GLU A 124 25.77 -15.36 5.75
CA GLU A 124 25.81 -15.36 5.77
C GLU A 124 25.12 -14.53 6.84
C GLU A 124 25.10 -14.43 6.76
N GLN A 125 23.80 -14.63 6.96
CA GLN A 125 23.08 -13.86 7.97
C GLN A 125 23.50 -14.26 9.38
N LEU A 126 23.68 -15.57 9.60
CA LEU A 126 24.04 -16.08 10.91
C LEU A 126 25.36 -15.48 11.43
N LYS A 127 26.23 -15.06 10.52
CA LYS A 127 27.49 -14.43 10.92
C LYS A 127 27.24 -13.11 11.63
N SER A 128 26.11 -12.49 11.35
CA SER A 128 25.79 -11.17 11.90
C SER A 128 25.09 -11.25 13.26
N GLY A 129 24.78 -12.46 13.71
CA GLY A 129 24.21 -12.65 15.04
C GLY A 129 22.70 -12.75 15.09
N THR A 130 22.06 -12.70 13.93
N THR A 130 22.05 -12.70 13.93
CA THR A 130 20.61 -12.82 13.85
CA THR A 130 20.59 -12.79 13.87
C THR A 130 20.23 -13.96 12.92
C THR A 130 20.16 -13.84 12.86
N ALA A 131 19.05 -14.52 13.15
CA ALA A 131 18.52 -15.56 12.27
C ALA A 131 17.10 -15.21 11.84
N SER A 132 16.86 -15.17 10.54
CA SER A 132 15.52 -14.96 10.01
C SER A 132 15.04 -16.25 9.36
N VAL A 133 13.90 -16.74 9.81
CA VAL A 133 13.29 -17.92 9.22
C VAL A 133 12.05 -17.46 8.46
N VAL A 134 11.89 -17.90 7.22
CA VAL A 134 10.83 -17.40 6.37
C VAL A 134 9.87 -18.50 5.92
N CYS A 135 8.57 -18.21 5.97
CA CYS A 135 7.55 -19.13 5.52
C CYS A 135 6.73 -18.46 4.42
N LEU A 136 6.60 -19.15 3.29
CA LEU A 136 5.86 -18.63 2.14
C LEU A 136 4.57 -19.41 1.93
N LEU A 137 3.46 -18.68 1.82
CA LEU A 137 2.17 -19.25 1.48
C LEU A 137 1.82 -18.72 0.11
N ASN A 138 1.82 -19.58 -0.89
CA ASN A 138 1.72 -19.11 -2.27
C ASN A 138 0.38 -19.38 -2.95
N ASN A 139 -0.15 -18.34 -3.59
CA ASN A 139 -1.30 -18.45 -4.49
C ASN A 139 -2.55 -19.08 -3.88
N PHE A 140 -3.09 -18.42 -2.86
CA PHE A 140 -4.29 -18.92 -2.18
C PHE A 140 -5.46 -17.93 -2.23
N TYR A 141 -6.65 -18.44 -1.93
CA TYR A 141 -7.86 -17.65 -1.83
C TYR A 141 -8.85 -18.39 -0.94
N PRO A 142 -9.54 -17.68 -0.03
CA PRO A 142 -9.53 -16.24 0.21
C PRO A 142 -8.30 -15.77 0.98
N ARG A 143 -8.25 -14.47 1.27
CA ARG A 143 -7.09 -13.83 1.86
C ARG A 143 -6.78 -14.30 3.29
N GLU A 144 -7.82 -14.69 4.02
N GLU A 144 -7.83 -14.68 4.03
CA GLU A 144 -7.67 -15.07 5.42
CA GLU A 144 -7.67 -15.08 5.42
C GLU A 144 -6.86 -16.36 5.59
C GLU A 144 -6.83 -16.37 5.55
N ALA A 145 -5.75 -16.27 6.32
CA ALA A 145 -4.89 -17.41 6.56
C ALA A 145 -4.20 -17.22 7.90
N LYS A 146 -3.84 -18.32 8.54
CA LYS A 146 -3.14 -18.23 9.82
C LYS A 146 -1.81 -18.97 9.77
N VAL A 147 -0.76 -18.28 10.21
CA VAL A 147 0.56 -18.88 10.28
C VAL A 147 0.95 -19.01 11.75
N GLN A 148 1.35 -20.23 12.13
N GLN A 148 1.34 -20.23 12.14
CA GLN A 148 1.84 -20.48 13.48
CA GLN A 148 1.85 -20.46 13.48
C GLN A 148 3.27 -20.99 13.42
C GLN A 148 3.27 -20.99 13.42
N TRP A 149 4.20 -20.24 14.00
CA TRP A 149 5.60 -20.65 14.04
C TRP A 149 5.85 -21.51 15.27
N LYS A 150 6.62 -22.58 15.08
CA LYS A 150 7.02 -23.43 16.19
C LYS A 150 8.52 -23.68 16.15
N VAL A 151 9.14 -23.62 17.34
CA VAL A 151 10.56 -23.91 17.49
C VAL A 151 10.67 -24.99 18.56
N ASP A 152 11.07 -26.19 18.15
CA ASP A 152 11.03 -27.36 19.03
C ASP A 152 9.67 -27.49 19.72
N ASN A 153 8.62 -27.34 18.91
CA ASN A 153 7.23 -27.44 19.36
C ASN A 153 6.74 -26.28 20.26
N ALA A 154 7.59 -25.29 20.47
CA ALA A 154 7.18 -24.11 21.22
C ALA A 154 6.55 -23.08 20.29
N LEU A 155 5.29 -22.74 20.56
N LEU A 155 5.29 -22.74 20.56
CA LEU A 155 4.58 -21.75 19.76
CA LEU A 155 4.58 -21.75 19.76
C LEU A 155 5.24 -20.39 19.92
C LEU A 155 5.22 -20.37 19.93
N GLN A 156 5.56 -19.76 18.80
CA GLN A 156 6.17 -18.43 18.82
C GLN A 156 5.08 -17.38 18.65
N SER A 157 5.07 -16.37 19.51
CA SER A 157 4.08 -15.32 19.41
C SER A 157 4.71 -13.96 19.69
N GLY A 158 4.56 -13.04 18.75
CA GLY A 158 5.09 -11.70 18.91
C GLY A 158 6.46 -11.47 18.32
N ASN A 159 7.09 -12.53 17.83
CA ASN A 159 8.42 -12.41 17.23
C ASN A 159 8.45 -12.73 15.74
N SER A 160 7.31 -12.56 15.09
CA SER A 160 7.25 -12.65 13.64
C SER A 160 6.50 -11.47 13.05
N GLN A 161 6.74 -11.22 11.77
CA GLN A 161 5.95 -10.24 11.03
C GLN A 161 5.58 -10.83 9.69
N GLU A 162 4.46 -10.41 9.14
CA GLU A 162 4.02 -10.94 7.85
C GLU A 162 3.44 -9.86 6.97
N SER A 163 3.43 -10.12 5.67
CA SER A 163 2.72 -9.24 4.75
C SER A 163 2.15 -10.05 3.60
N VAL A 164 1.18 -9.44 2.91
CA VAL A 164 0.42 -10.13 1.88
C VAL A 164 0.44 -9.31 0.61
N THR A 165 0.61 -9.96 -0.53
CA THR A 165 0.60 -9.29 -1.82
C THR A 165 -0.79 -8.77 -2.18
N GLU A 166 -0.83 -7.83 -3.13
CA GLU A 166 -2.09 -7.44 -3.74
C GLU A 166 -2.62 -8.66 -4.49
N GLN A 167 -3.93 -8.74 -4.63
CA GLN A 167 -4.56 -9.81 -5.38
C GLN A 167 -3.99 -9.85 -6.80
N ASP A 168 -3.55 -11.03 -7.23
CA ASP A 168 -2.95 -11.18 -8.56
C ASP A 168 -3.96 -10.89 -9.66
N SER A 169 -3.55 -10.08 -10.64
CA SER A 169 -4.47 -9.63 -11.69
C SER A 169 -4.92 -10.76 -12.60
N LYS A 170 -4.15 -11.85 -12.66
CA LYS A 170 -4.47 -12.96 -13.54
C LYS A 170 -5.31 -14.04 -12.87
N ASP A 171 -4.85 -14.56 -11.74
CA ASP A 171 -5.52 -15.68 -11.10
C ASP A 171 -6.30 -15.31 -9.84
N SER A 172 -6.25 -14.04 -9.46
CA SER A 172 -7.02 -13.51 -8.33
C SER A 172 -6.67 -14.15 -6.99
N THR A 173 -5.45 -14.67 -6.86
CA THR A 173 -5.01 -15.23 -5.59
C THR A 173 -4.15 -14.26 -4.80
N TYR A 174 -3.87 -14.62 -3.56
CA TYR A 174 -2.95 -13.88 -2.70
C TYR A 174 -1.75 -14.75 -2.37
N SER A 175 -0.67 -14.12 -1.94
CA SER A 175 0.45 -14.84 -1.35
C SER A 175 0.86 -14.13 -0.08
N LEU A 176 1.48 -14.86 0.84
CA LEU A 176 1.84 -14.33 2.13
C LEU A 176 3.27 -14.74 2.48
N SER A 177 4.02 -13.81 3.04
CA SER A 177 5.37 -14.07 3.52
C SER A 177 5.42 -13.74 5.01
N SER A 178 5.93 -14.65 5.81
CA SER A 178 6.10 -14.41 7.24
C SER A 178 7.54 -14.66 7.63
N THR A 179 8.11 -13.75 8.42
CA THR A 179 9.47 -13.89 8.89
C THR A 179 9.50 -14.01 10.40
N LEU A 180 10.09 -15.10 10.89
CA LEU A 180 10.36 -15.28 12.31
C LEU A 180 11.79 -14.85 12.59
N THR A 181 11.97 -13.95 13.55
CA THR A 181 13.31 -13.46 13.86
C THR A 181 13.78 -13.93 15.23
N LEU A 182 14.94 -14.55 15.26
CA LEU A 182 15.57 -15.03 16.50
C LEU A 182 17.03 -14.61 16.51
N SER A 183 17.63 -14.57 17.70
CA SER A 183 19.07 -14.37 17.78
C SER A 183 19.76 -15.63 17.26
N LYS A 184 21.00 -15.49 16.78
CA LYS A 184 21.76 -16.65 16.35
C LYS A 184 21.92 -17.63 17.52
N ALA A 185 22.17 -17.09 18.70
CA ALA A 185 22.35 -17.90 19.90
C ALA A 185 21.13 -18.79 20.17
N ASP A 186 19.94 -18.21 20.08
CA ASP A 186 18.72 -18.99 20.27
C ASP A 186 18.52 -19.98 19.13
N TYR A 187 18.78 -19.54 17.91
CA TYR A 187 18.62 -20.41 16.74
C TYR A 187 19.44 -21.69 16.86
N GLU A 188 20.69 -21.55 17.31
CA GLU A 188 21.60 -22.69 17.38
C GLU A 188 21.29 -23.65 18.53
N LYS A 189 20.40 -23.25 19.43
CA LYS A 189 20.05 -24.07 20.59
C LYS A 189 18.91 -25.03 20.28
N HIS A 190 18.23 -24.80 19.16
CA HIS A 190 17.04 -25.57 18.84
C HIS A 190 17.17 -26.29 17.51
N LYS A 191 16.34 -27.32 17.31
CA LYS A 191 16.50 -28.20 16.17
C LYS A 191 15.38 -28.08 15.14
N VAL A 192 14.14 -28.22 15.58
CA VAL A 192 13.01 -28.29 14.65
C VAL A 192 12.33 -26.93 14.49
N TYR A 193 12.33 -26.45 13.25
CA TYR A 193 11.69 -25.18 12.92
C TYR A 193 10.53 -25.47 11.99
N ALA A 194 9.35 -24.99 12.38
CA ALA A 194 8.14 -25.35 11.68
C ALA A 194 7.19 -24.18 11.50
N CYS A 195 6.54 -24.16 10.34
CA CYS A 195 5.46 -23.21 10.15
CA CYS A 195 5.49 -23.20 10.04
C CYS A 195 4.18 -23.96 9.79
N GLU A 196 3.17 -23.74 10.62
CA GLU A 196 1.91 -24.43 10.49
C GLU A 196 0.85 -23.49 9.93
N VAL A 197 0.20 -23.92 8.87
CA VAL A 197 -0.70 -23.05 8.13
C VAL A 197 -2.13 -23.57 8.15
N THR A 198 -3.07 -22.70 8.53
N THR A 198 -3.06 -22.68 8.51
CA THR A 198 -4.48 -23.04 8.46
CA THR A 198 -4.48 -22.98 8.50
C THR A 198 -5.16 -22.14 7.45
C THR A 198 -5.16 -22.13 7.45
N HIS A 199 -6.03 -22.74 6.63
CA HIS A 199 -6.70 -22.02 5.57
C HIS A 199 -7.94 -22.80 5.15
N GLN A 200 -8.94 -22.08 4.63
CA GLN A 200 -10.21 -22.68 4.23
C GLN A 200 -10.04 -23.81 3.22
N GLY A 201 -9.03 -23.71 2.37
CA GLY A 201 -8.76 -24.72 1.36
C GLY A 201 -8.05 -25.96 1.88
N LEU A 202 -7.67 -25.94 3.15
CA LEU A 202 -7.00 -27.08 3.77
C LEU A 202 -7.93 -27.74 4.80
N SER A 203 -8.21 -29.02 4.60
CA SER A 203 -9.11 -29.75 5.51
C SER A 203 -8.48 -29.90 6.90
N SER A 204 -7.16 -29.92 6.94
CA SER A 204 -6.41 -29.91 8.19
C SER A 204 -5.17 -29.05 7.99
N PRO A 205 -4.66 -28.44 9.06
CA PRO A 205 -3.48 -27.57 8.94
C PRO A 205 -2.29 -28.28 8.29
N VAL A 206 -1.55 -27.54 7.48
CA VAL A 206 -0.35 -28.06 6.85
C VAL A 206 0.89 -27.50 7.54
N THR A 207 1.83 -28.38 7.86
CA THR A 207 3.07 -27.93 8.49
C THR A 207 4.27 -28.26 7.62
N LYS A 208 5.11 -27.25 7.37
CA LYS A 208 6.39 -27.46 6.71
C LYS A 208 7.47 -27.22 7.76
N SER A 209 8.47 -28.09 7.79
N SER A 209 8.46 -28.11 7.78
CA SER A 209 9.51 -27.98 8.80
CA SER A 209 9.50 -28.05 8.81
C SER A 209 10.88 -28.33 8.26
C SER A 209 10.88 -28.32 8.25
N PHE A 210 11.90 -27.94 9.01
CA PHE A 210 13.27 -28.35 8.73
C PHE A 210 13.98 -28.56 10.06
N ASN A 211 14.99 -29.41 10.04
CA ASN A 211 15.86 -29.59 11.19
C ASN A 211 17.16 -28.83 10.95
N ARG A 212 17.49 -27.93 11.88
CA ARG A 212 18.73 -27.17 11.77
C ARG A 212 19.93 -28.11 11.61
N GLY A 213 20.76 -27.84 10.62
CA GLY A 213 21.93 -28.65 10.38
C GLY A 213 21.76 -29.61 9.22
N GLU A 214 20.59 -30.25 9.15
CA GLU A 214 20.31 -31.20 8.09
C GLU A 214 20.11 -30.50 6.75
N LYS B 1 -3.82 20.20 -21.03
CA LYS B 1 -4.12 19.23 -19.98
C LYS B 1 -3.49 19.64 -18.66
N VAL B 2 -4.31 19.66 -17.60
CA VAL B 2 -3.83 20.04 -16.28
C VAL B 2 -2.90 18.99 -15.69
N GLN B 3 -1.71 19.41 -15.29
CA GLN B 3 -0.72 18.52 -14.70
C GLN B 3 -0.19 19.09 -13.39
N LEU B 4 -0.17 18.26 -12.35
CA LEU B 4 0.42 18.63 -11.08
C LEU B 4 1.65 17.76 -10.82
N VAL B 5 2.81 18.40 -10.70
CA VAL B 5 4.05 17.67 -10.46
C VAL B 5 4.68 18.05 -9.13
N GLN B 6 4.84 17.06 -8.25
CA GLN B 6 5.31 17.31 -6.90
C GLN B 6 6.81 17.09 -6.73
N SER B 7 7.37 17.68 -5.69
CA SER B 7 8.78 17.49 -5.35
C SER B 7 9.02 16.06 -4.86
N GLY B 8 10.30 15.68 -4.76
CA GLY B 8 10.68 14.32 -4.45
C GLY B 8 10.54 13.92 -2.99
N ALA B 9 10.78 12.65 -2.71
CA ALA B 9 10.63 12.09 -1.37
C ALA B 9 11.48 12.82 -0.34
N GLU B 10 10.97 12.85 0.89
CA GLU B 10 11.64 13.53 1.99
C GLU B 10 11.89 12.58 3.15
N LEU B 11 13.00 12.80 3.85
CA LEU B 11 13.31 12.04 5.05
C LEU B 11 13.61 13.02 6.17
N LYS B 12 12.89 12.89 7.28
CA LYS B 12 13.00 13.87 8.36
C LYS B 12 13.13 13.20 9.72
N LYS B 13 13.87 13.84 10.61
CA LYS B 13 13.93 13.42 12.00
C LYS B 13 12.75 14.05 12.74
N PRO B 14 12.31 13.42 13.84
CA PRO B 14 11.24 14.01 14.64
C PRO B 14 11.59 15.44 15.09
N TRP B 15 10.56 16.24 15.35
N TRP B 15 10.55 16.25 15.32
CA TRP B 15 10.66 17.67 15.71
CA TRP B 15 10.65 17.66 15.72
C TRP B 15 10.88 18.60 14.53
C TRP B 15 11.02 18.62 14.57
N SER B 16 11.40 18.08 13.42
CA SER B 16 11.74 18.91 12.28
C SER B 16 10.52 19.32 11.46
N SER B 17 10.75 20.12 10.43
CA SER B 17 9.69 20.57 9.53
C SER B 17 9.94 20.03 8.12
N VAL B 18 8.88 19.98 7.32
CA VAL B 18 9.01 19.54 5.94
C VAL B 18 8.29 20.51 5.00
N ARG B 19 8.87 20.73 3.82
N ARG B 19 8.88 20.75 3.83
CA ARG B 19 8.27 21.58 2.81
CA ARG B 19 8.25 21.58 2.81
C ARG B 19 8.12 20.81 1.50
C ARG B 19 8.12 20.78 1.53
N VAL B 20 6.89 20.67 1.02
CA VAL B 20 6.62 19.93 -0.21
C VAL B 20 6.04 20.88 -1.25
N SER B 21 6.46 20.74 -2.50
CA SER B 21 5.97 21.61 -3.56
C SER B 21 5.11 20.87 -4.59
N CYS B 22 4.31 21.64 -5.33
CA CYS B 22 3.41 21.10 -6.33
C CYS B 22 3.32 22.13 -7.45
N LYS B 23 3.91 21.81 -8.60
CA LYS B 23 3.89 22.74 -9.73
C LYS B 23 2.77 22.38 -10.69
N ALA B 24 1.93 23.37 -11.00
CA ALA B 24 0.78 23.17 -11.86
C ALA B 24 1.04 23.69 -13.27
N SER B 25 0.61 22.93 -14.27
CA SER B 25 0.75 23.36 -15.65
C SER B 25 -0.44 22.90 -16.48
N GLY B 26 -0.68 23.58 -17.60
CA GLY B 26 -1.70 23.18 -18.54
C GLY B 26 -3.08 23.75 -18.27
N GLY B 27 -3.16 24.75 -17.39
CA GLY B 27 -4.43 25.38 -17.08
C GLY B 27 -4.29 26.65 -16.26
N SER B 28 -5.43 27.29 -15.97
CA SER B 28 -5.45 28.46 -15.11
C SER B 28 -4.98 28.09 -13.72
N PHE B 29 -4.23 28.97 -13.07
CA PHE B 29 -3.62 28.66 -11.79
C PHE B 29 -4.30 29.32 -10.58
N SER B 30 -4.29 30.65 -10.57
N SER B 30 -4.29 30.65 -10.57
CA SER B 30 -4.73 31.41 -9.39
CA SER B 30 -4.73 31.42 -9.41
C SER B 30 -6.21 31.22 -9.03
C SER B 30 -6.20 31.21 -9.03
N SER B 31 -7.06 31.07 -10.04
CA SER B 31 -8.50 31.00 -9.80
C SER B 31 -9.00 29.75 -9.08
N TYR B 32 -8.32 28.62 -9.24
CA TYR B 32 -8.78 27.35 -8.67
C TYR B 32 -8.07 27.01 -7.36
N ALA B 33 -8.75 26.25 -6.51
CA ALA B 33 -8.20 25.90 -5.20
C ALA B 33 -7.33 24.65 -5.25
N PHE B 34 -6.18 24.72 -4.60
CA PHE B 34 -5.29 23.59 -4.48
C PHE B 34 -5.35 23.06 -3.06
N ASN B 35 -5.46 21.75 -2.92
CA ASN B 35 -5.59 21.13 -1.62
C ASN B 35 -4.48 20.12 -1.37
N TRP B 36 -4.20 19.85 -0.10
CA TRP B 36 -3.25 18.81 0.27
C TRP B 36 -3.96 17.72 1.04
N VAL B 37 -3.68 16.47 0.67
CA VAL B 37 -4.30 15.30 1.26
C VAL B 37 -3.19 14.29 1.51
N ARG B 38 -3.18 13.67 2.68
CA ARG B 38 -2.15 12.68 2.96
C ARG B 38 -2.73 11.29 3.21
N GLN B 39 -1.86 10.29 3.11
CA GLN B 39 -2.27 8.91 3.28
C GLN B 39 -1.13 8.11 3.91
N ALA B 40 -1.28 7.74 5.17
CA ALA B 40 -0.31 6.86 5.82
C ALA B 40 -0.42 5.47 5.19
N PRO B 41 0.67 4.69 5.21
CA PRO B 41 0.67 3.36 4.59
C PRO B 41 -0.48 2.48 5.06
N GLY B 42 -1.33 2.07 4.13
CA GLY B 42 -2.45 1.17 4.42
C GLY B 42 -3.65 1.86 5.06
N GLN B 43 -3.60 3.18 5.15
N GLN B 43 -3.60 3.17 5.18
CA GLN B 43 -4.65 3.94 5.82
CA GLN B 43 -4.67 3.92 5.83
C GLN B 43 -5.44 4.82 4.86
C GLN B 43 -5.48 4.78 4.86
N ARG B 44 -6.43 5.53 5.40
CA ARG B 44 -7.34 6.32 4.58
C ARG B 44 -6.76 7.65 4.14
N LEU B 45 -7.45 8.33 3.23
CA LEU B 45 -7.09 9.68 2.82
C LEU B 45 -7.49 10.67 3.90
N GLU B 46 -6.62 11.66 4.13
CA GLU B 46 -6.92 12.70 5.11
C GLU B 46 -6.59 14.09 4.56
N TRP B 47 -7.61 14.94 4.52
CA TRP B 47 -7.46 16.32 4.05
C TRP B 47 -6.69 17.17 5.07
N LEU B 48 -5.73 17.94 4.58
CA LEU B 48 -4.92 18.78 5.45
C LEU B 48 -5.31 20.26 5.35
N GLY B 49 -5.63 20.69 4.14
CA GLY B 49 -5.99 22.09 3.92
C GLY B 49 -5.91 22.49 2.46
N GLY B 50 -6.31 23.72 2.16
CA GLY B 50 -6.32 24.21 0.80
C GLY B 50 -6.03 25.69 0.67
N ILE B 51 -5.77 26.12 -0.56
CA ILE B 51 -5.50 27.53 -0.85
C ILE B 51 -6.05 27.92 -2.22
N VAL B 52 -6.57 29.15 -2.30
CA VAL B 52 -6.89 29.75 -3.58
C VAL B 52 -5.88 30.86 -3.83
N PRO B 53 -4.93 30.63 -4.76
CA PRO B 53 -3.78 31.50 -4.99
C PRO B 53 -4.14 32.95 -5.37
N LEU B 54 -5.25 33.15 -6.06
CA LEU B 54 -5.63 34.49 -6.53
C LEU B 54 -5.75 35.48 -5.38
N VAL B 55 -6.41 35.06 -4.30
CA VAL B 55 -6.62 35.93 -3.16
C VAL B 55 -5.83 35.44 -1.94
N SER B 56 -5.06 34.37 -2.14
CA SER B 56 -4.24 33.78 -1.09
C SER B 56 -5.04 33.35 0.14
N SER B 57 -6.30 32.99 -0.09
N SER B 57 -6.30 32.99 -0.08
CA SER B 57 -7.16 32.52 0.99
CA SER B 57 -7.16 32.53 1.01
C SER B 57 -6.82 31.07 1.33
C SER B 57 -6.86 31.08 1.34
N THR B 58 -6.73 30.77 2.62
CA THR B 58 -6.41 29.42 3.07
C THR B 58 -7.50 28.85 3.96
N ASN B 59 -7.51 27.53 4.07
CA ASN B 59 -8.45 26.81 4.91
C ASN B 59 -7.78 25.52 5.38
N TYR B 60 -7.62 25.37 6.69
CA TYR B 60 -6.90 24.22 7.23
C TYR B 60 -7.79 23.29 8.05
N ALA B 61 -7.50 22.00 8.00
CA ALA B 61 -8.18 21.02 8.83
C ALA B 61 -7.89 21.31 10.30
N GLN B 62 -8.91 21.19 11.14
CA GLN B 62 -8.81 21.54 12.55
C GLN B 62 -7.69 20.79 13.28
N ARG B 63 -7.54 19.50 12.99
CA ARG B 63 -6.53 18.68 13.65
C ARG B 63 -5.10 19.11 13.33
N PHE B 64 -4.92 19.86 12.25
CA PHE B 64 -3.59 20.26 11.82
C PHE B 64 -3.38 21.77 11.94
N ARG B 65 -4.39 22.46 12.44
CA ARG B 65 -4.32 23.91 12.62
C ARG B 65 -3.18 24.27 13.58
N GLY B 66 -2.21 25.02 13.08
CA GLY B 66 -1.07 25.42 13.89
C GLY B 66 0.20 24.67 13.53
N ARG B 67 0.03 23.57 12.79
CA ARG B 67 1.18 22.77 12.35
C ARG B 67 1.38 22.86 10.84
N VAL B 68 0.34 23.32 10.14
CA VAL B 68 0.37 23.32 8.68
C VAL B 68 0.21 24.72 8.11
N THR B 69 1.05 25.03 7.12
CA THR B 69 0.93 26.28 6.37
C THR B 69 0.95 25.97 4.88
N ILE B 70 0.01 26.54 4.14
CA ILE B 70 -0.04 26.37 2.71
C ILE B 70 0.12 27.71 2.03
N SER B 71 0.96 27.76 1.00
CA SER B 71 1.24 29.00 0.30
C SER B 71 1.32 28.76 -1.21
N ALA B 72 1.38 29.85 -1.96
CA ALA B 72 1.41 29.75 -3.42
C ALA B 72 2.32 30.81 -4.06
N ASP B 73 2.93 30.45 -5.18
CA ASP B 73 3.75 31.38 -5.94
C ASP B 73 3.17 31.46 -7.35
N ARG B 74 2.49 32.56 -7.65
CA ARG B 74 1.81 32.72 -8.93
C ARG B 74 2.81 32.81 -10.10
N SER B 75 3.98 33.37 -9.84
CA SER B 75 4.98 33.54 -10.88
C SER B 75 5.52 32.20 -11.40
N THR B 76 5.46 31.18 -10.56
CA THR B 76 5.97 29.86 -10.94
C THR B 76 4.87 28.80 -10.95
N SER B 77 3.64 29.23 -10.68
CA SER B 77 2.50 28.31 -10.65
C SER B 77 2.73 27.15 -9.69
N THR B 78 3.24 27.46 -8.51
CA THR B 78 3.61 26.43 -7.54
C THR B 78 2.92 26.66 -6.20
N VAL B 79 2.37 25.59 -5.63
N VAL B 79 2.41 25.58 -5.61
CA VAL B 79 1.85 25.67 -4.27
CA VAL B 79 1.80 25.63 -4.28
C VAL B 79 2.76 24.88 -3.33
C VAL B 79 2.62 24.79 -3.30
N TYR B 80 2.79 25.30 -2.09
CA TYR B 80 3.65 24.68 -1.09
C TYR B 80 2.88 24.21 0.13
N LEU B 81 3.32 23.10 0.70
CA LEU B 81 2.83 22.63 1.99
C LEU B 81 3.99 22.62 2.96
N GLU B 82 3.81 23.25 4.12
CA GLU B 82 4.80 23.16 5.17
C GLU B 82 4.15 22.56 6.41
N MET B 83 4.75 21.49 6.93
CA MET B 83 4.27 20.88 8.16
C MET B 83 5.39 20.88 9.20
N THR B 84 5.08 21.35 10.40
CA THR B 84 6.08 21.44 11.47
C THR B 84 5.78 20.43 12.57
N GLY B 85 6.72 20.28 13.51
CA GLY B 85 6.56 19.40 14.65
C GLY B 85 6.35 17.95 14.25
N LEU B 86 7.11 17.50 13.27
CA LEU B 86 6.93 16.15 12.72
C LEU B 86 7.20 15.06 13.73
N THR B 87 6.37 14.03 13.71
CA THR B 87 6.62 12.80 14.45
C THR B 87 6.40 11.64 13.49
N SER B 88 6.71 10.42 13.93
CA SER B 88 6.55 9.23 13.10
C SER B 88 5.11 9.06 12.61
N ALA B 89 4.16 9.65 13.33
CA ALA B 89 2.76 9.59 12.94
C ALA B 89 2.48 10.37 11.66
N ASP B 90 3.45 11.17 11.24
CA ASP B 90 3.30 11.98 10.02
C ASP B 90 3.88 11.30 8.78
N THR B 91 4.44 10.10 8.96
CA THR B 91 4.91 9.33 7.83
C THR B 91 3.73 8.97 6.92
N ALA B 92 3.81 9.40 5.67
CA ALA B 92 2.69 9.29 4.75
C ALA B 92 3.08 9.76 3.37
N VAL B 93 2.25 9.40 2.38
CA VAL B 93 2.36 10.01 1.07
C VAL B 93 1.47 11.26 1.06
N TYR B 94 2.05 12.38 0.65
CA TYR B 94 1.34 13.64 0.62
C TYR B 94 0.98 13.98 -0.83
N PHE B 95 -0.29 14.26 -1.06
CA PHE B 95 -0.79 14.55 -2.41
C PHE B 95 -1.28 15.98 -2.51
N CYS B 96 -0.96 16.62 -3.63
CA CYS B 96 -1.62 17.88 -3.94
CA CYS B 96 -1.54 17.91 -4.03
C CYS B 96 -2.74 17.60 -4.93
N ALA B 97 -3.82 18.35 -4.80
CA ALA B 97 -4.99 18.14 -5.64
C ALA B 97 -5.67 19.45 -5.96
N ARG B 98 -6.12 19.59 -7.20
CA ARG B 98 -6.80 20.81 -7.63
C ARG B 98 -8.27 20.55 -7.92
N GLU B 99 -9.10 21.55 -7.63
N GLU B 99 -9.11 21.54 -7.64
CA GLU B 99 -10.51 21.50 -7.96
CA GLU B 99 -10.53 21.42 -7.92
C GLU B 99 -10.71 21.31 -9.46
C GLU B 99 -10.79 21.44 -9.43
N GLY B 100 -11.88 20.80 -9.84
CA GLY B 100 -12.20 20.64 -11.25
C GLY B 100 -12.71 21.89 -11.92
N GLU B 101 -12.82 21.83 -13.24
CA GLU B 101 -13.37 22.91 -14.03
C GLU B 101 -14.79 22.53 -14.46
N GLY B 102 -15.68 23.51 -14.46
CA GLY B 102 -17.04 23.29 -14.91
C GLY B 102 -17.36 24.13 -16.12
N TRP B 103 -18.58 23.99 -16.64
CA TRP B 103 -19.06 24.82 -17.73
C TRP B 103 -19.04 26.27 -17.27
N PHE B 104 -18.60 27.17 -18.15
CA PHE B 104 -18.49 28.59 -17.85
C PHE B 104 -17.48 28.89 -16.75
N GLY B 105 -16.46 28.04 -16.64
CA GLY B 105 -15.33 28.27 -15.77
C GLY B 105 -15.60 28.29 -14.28
N ARG B 106 -16.71 27.69 -13.85
CA ARG B 106 -17.04 27.64 -12.43
C ARG B 106 -16.34 26.47 -11.75
N PRO B 107 -15.67 26.73 -10.62
CA PRO B 107 -14.93 25.69 -9.89
C PRO B 107 -15.80 24.52 -9.41
N LEU B 108 -15.29 23.30 -9.44
N LEU B 108 -15.22 23.34 -9.53
CA LEU B 108 -16.10 22.15 -9.02
CA LEU B 108 -15.81 22.07 -9.13
C LEU B 108 -16.20 22.03 -7.50
C LEU B 108 -15.06 21.55 -7.92
N ARG B 109 -15.08 22.32 -6.84
CA ARG B 109 -14.75 21.90 -5.45
C ARG B 109 -14.27 20.46 -5.17
N ALA B 110 -14.83 19.45 -5.83
CA ALA B 110 -14.28 18.10 -5.71
C ALA B 110 -12.88 18.06 -6.32
N PHE B 111 -12.06 17.11 -5.89
CA PHE B 111 -10.65 17.10 -6.32
C PHE B 111 -10.47 16.31 -7.62
N GLU B 112 -10.40 17.01 -8.75
CA GLU B 112 -10.35 16.33 -10.05
C GLU B 112 -8.94 16.02 -10.52
N PHE B 113 -7.99 16.89 -10.21
CA PHE B 113 -6.62 16.71 -10.68
C PHE B 113 -5.68 16.47 -9.51
N TRP B 114 -4.81 15.48 -9.64
CA TRP B 114 -3.94 15.06 -8.54
C TRP B 114 -2.47 15.00 -8.95
N GLY B 115 -1.60 15.39 -8.03
CA GLY B 115 -0.17 15.17 -8.20
C GLY B 115 0.17 13.70 -8.02
N GLN B 116 1.43 13.35 -8.22
CA GLN B 116 1.84 11.95 -8.16
C GLN B 116 2.07 11.47 -6.72
N GLY B 117 2.09 12.41 -5.78
CA GLY B 117 2.35 12.09 -4.39
C GLY B 117 3.82 12.24 -4.01
N THR B 118 4.05 12.58 -2.75
CA THR B 118 5.40 12.71 -2.21
C THR B 118 5.48 11.93 -0.91
N LEU B 119 6.39 10.96 -0.84
CA LEU B 119 6.58 10.22 0.41
C LEU B 119 7.40 11.05 1.38
N VAL B 120 6.86 11.23 2.58
CA VAL B 120 7.61 11.85 3.67
C VAL B 120 7.72 10.81 4.78
N THR B 121 8.96 10.43 5.09
CA THR B 121 9.21 9.49 6.17
C THR B 121 9.78 10.27 7.36
N VAL B 122 9.20 10.06 8.54
CA VAL B 122 9.68 10.69 9.75
C VAL B 122 10.12 9.61 10.74
N SER B 123 11.39 9.64 11.12
CA SER B 123 11.94 8.58 11.94
C SER B 123 13.31 8.98 12.49
N THR B 124 13.70 8.34 13.58
CA THR B 124 15.03 8.56 14.14
C THR B 124 16.08 7.72 13.41
N ALA B 125 15.63 6.78 12.58
CA ALA B 125 16.54 5.91 11.86
C ALA B 125 17.37 6.67 10.82
N SER B 126 18.57 6.16 10.55
CA SER B 126 19.44 6.75 9.53
C SER B 126 19.36 5.95 8.24
N THR B 127 19.57 6.62 7.13
CA THR B 127 19.57 5.99 5.82
C THR B 127 20.55 4.81 5.79
N LYS B 128 20.06 3.66 5.34
CA LYS B 128 20.85 2.44 5.36
C LYS B 128 20.46 1.50 4.25
N GLY B 129 21.45 1.03 3.49
CA GLY B 129 21.20 0.07 2.43
C GLY B 129 20.94 -1.32 3.00
N PRO B 130 20.24 -2.16 2.22
CA PRO B 130 19.84 -3.48 2.70
C PRO B 130 20.97 -4.51 2.67
N SER B 131 20.86 -5.51 3.54
CA SER B 131 21.62 -6.74 3.37
C SER B 131 20.70 -7.70 2.63
N VAL B 132 21.22 -8.42 1.64
CA VAL B 132 20.38 -9.29 0.85
C VAL B 132 20.79 -10.75 1.06
N PHE B 133 19.88 -11.52 1.65
CA PHE B 133 20.17 -12.91 1.97
C PHE B 133 19.36 -13.85 1.09
N PRO B 134 19.94 -15.01 0.77
CA PRO B 134 19.22 -15.96 -0.09
C PRO B 134 18.12 -16.70 0.66
N LEU B 135 17.01 -16.95 -0.04
CA LEU B 135 16.02 -17.91 0.39
C LEU B 135 16.20 -19.12 -0.52
N ALA B 136 17.00 -20.08 -0.06
CA ALA B 136 17.47 -21.16 -0.93
C ALA B 136 16.43 -22.23 -1.17
N PRO B 137 16.32 -22.70 -2.42
CA PRO B 137 15.34 -23.74 -2.76
C PRO B 137 15.70 -25.07 -2.11
N SER B 138 14.69 -25.83 -1.73
CA SER B 138 14.89 -27.13 -1.09
C SER B 138 15.35 -28.17 -2.10
N GLY B 145 7.22 -30.95 -8.23
CA GLY B 145 7.65 -30.49 -9.54
C GLY B 145 8.04 -29.02 -9.54
N THR B 146 7.51 -28.27 -8.57
N THR B 146 7.50 -28.27 -8.58
CA THR B 146 7.75 -26.83 -8.48
CA THR B 146 7.77 -26.84 -8.49
C THR B 146 8.56 -26.49 -7.24
C THR B 146 8.57 -26.50 -7.24
N ALA B 147 9.57 -25.64 -7.40
CA ALA B 147 10.41 -25.21 -6.29
C ALA B 147 10.29 -23.70 -6.08
N ALA B 148 10.34 -23.27 -4.84
CA ALA B 148 10.35 -21.84 -4.53
C ALA B 148 11.73 -21.39 -4.07
N LEU B 149 12.13 -20.21 -4.50
CA LEU B 149 13.37 -19.60 -4.02
C LEU B 149 13.14 -18.10 -3.93
N GLY B 150 14.06 -17.40 -3.29
CA GLY B 150 13.90 -15.95 -3.18
C GLY B 150 15.05 -15.22 -2.55
N CYS B 151 14.81 -13.97 -2.22
CA CYS B 151 15.78 -13.12 -1.52
CA CYS B 151 15.77 -13.21 -1.46
C CYS B 151 15.10 -12.41 -0.35
N LEU B 152 15.80 -12.32 0.77
CA LEU B 152 15.35 -11.57 1.92
C LEU B 152 16.12 -10.27 1.95
N VAL B 153 15.40 -9.17 1.76
CA VAL B 153 16.01 -7.85 1.69
C VAL B 153 15.84 -7.17 3.04
N LYS B 154 16.87 -7.28 3.88
CA LYS B 154 16.71 -6.96 5.30
C LYS B 154 17.42 -5.68 5.75
N ASP B 155 16.77 -4.99 6.68
CA ASP B 155 17.37 -3.88 7.42
C ASP B 155 17.79 -2.70 6.54
N TYR B 156 16.85 -2.17 5.78
CA TYR B 156 17.11 -0.97 4.99
C TYR B 156 16.21 0.17 5.46
N PHE B 157 16.57 1.39 5.09
CA PHE B 157 15.81 2.56 5.48
C PHE B 157 16.22 3.75 4.62
N PRO B 158 15.25 4.56 4.18
CA PRO B 158 13.79 4.38 4.30
C PRO B 158 13.26 3.57 3.12
N GLU B 159 11.94 3.52 2.98
CA GLU B 159 11.32 3.00 1.78
C GLU B 159 11.66 3.92 0.62
N PRO B 160 11.61 3.42 -0.63
CA PRO B 160 11.27 2.06 -1.05
C PRO B 160 12.46 1.27 -1.61
N VAL B 161 12.23 -0.01 -1.86
CA VAL B 161 13.19 -0.82 -2.61
C VAL B 161 12.44 -1.50 -3.76
N THR B 162 13.16 -1.78 -4.83
CA THR B 162 12.57 -2.52 -5.94
C THR B 162 13.38 -3.78 -6.16
N VAL B 163 12.73 -4.81 -6.71
CA VAL B 163 13.39 -6.09 -6.95
C VAL B 163 13.02 -6.62 -8.34
N SER B 164 14.02 -7.08 -9.07
CA SER B 164 13.78 -7.84 -10.29
C SER B 164 14.52 -9.16 -10.19
N TRP B 165 14.22 -10.07 -11.11
CA TRP B 165 14.90 -11.34 -11.17
C TRP B 165 15.56 -11.54 -12.53
N ASN B 166 16.80 -12.01 -12.51
CA ASN B 166 17.57 -12.23 -13.73
C ASN B 166 17.54 -11.02 -14.67
N SER B 167 17.69 -9.84 -14.05
CA SER B 167 17.71 -8.57 -14.75
C SER B 167 16.50 -8.43 -15.68
N GLY B 168 15.34 -8.82 -15.18
CA GLY B 168 14.10 -8.65 -15.92
C GLY B 168 13.70 -9.82 -16.80
N ALA B 169 14.56 -10.82 -16.91
CA ALA B 169 14.30 -11.96 -17.79
C ALA B 169 13.30 -12.94 -17.17
N LEU B 170 13.15 -12.86 -15.84
CA LEU B 170 12.26 -13.76 -15.12
C LEU B 170 11.14 -12.95 -14.48
N THR B 171 9.91 -13.13 -14.98
CA THR B 171 8.77 -12.38 -14.46
C THR B 171 7.64 -13.29 -13.97
N SER B 172 7.47 -14.44 -14.64
N SER B 172 7.48 -14.43 -14.64
CA SER B 172 6.42 -15.38 -14.29
CA SER B 172 6.45 -15.39 -14.28
C SER B 172 6.66 -16.03 -12.93
C SER B 172 6.70 -15.96 -12.88
N GLY B 173 5.65 -15.99 -12.07
CA GLY B 173 5.74 -16.59 -10.75
C GLY B 173 6.45 -15.76 -9.70
N VAL B 174 6.79 -14.51 -10.02
CA VAL B 174 7.45 -13.62 -9.07
C VAL B 174 6.44 -12.94 -8.15
N HIS B 175 6.71 -12.99 -6.85
CA HIS B 175 5.94 -12.22 -5.86
C HIS B 175 6.91 -11.43 -5.00
N THR B 176 6.78 -10.11 -5.01
CA THR B 176 7.55 -9.25 -4.13
C THR B 176 6.60 -8.65 -3.12
N PHE B 177 6.89 -8.89 -1.84
CA PHE B 177 5.95 -8.58 -0.76
C PHE B 177 6.10 -7.16 -0.24
N PRO B 178 5.01 -6.60 0.31
CA PRO B 178 5.11 -5.33 1.02
C PRO B 178 6.12 -5.44 2.15
N ALA B 179 6.89 -4.39 2.36
CA ALA B 179 7.88 -4.38 3.44
C ALA B 179 7.16 -4.34 4.77
N VAL B 180 7.83 -4.86 5.79
CA VAL B 180 7.39 -4.66 7.16
C VAL B 180 8.35 -3.71 7.86
N LEU B 181 7.83 -2.92 8.78
CA LEU B 181 8.66 -2.06 9.60
C LEU B 181 8.98 -2.76 10.90
N GLN B 182 10.25 -3.06 11.11
CA GLN B 182 10.69 -3.80 12.28
C GLN B 182 10.81 -2.89 13.49
N SER B 183 10.88 -3.48 14.69
CA SER B 183 10.96 -2.71 15.93
C SER B 183 12.25 -1.89 15.98
N SER B 184 13.23 -2.29 15.18
CA SER B 184 14.49 -1.57 15.07
C SER B 184 14.33 -0.24 14.34
N GLY B 185 13.21 -0.07 13.64
CA GLY B 185 12.98 1.11 12.83
C GLY B 185 13.42 0.92 11.40
N LEU B 186 13.94 -0.26 11.10
CA LEU B 186 14.39 -0.58 9.74
C LEU B 186 13.37 -1.49 9.06
N TYR B 187 13.34 -1.42 7.73
CA TYR B 187 12.39 -2.20 6.94
C TYR B 187 13.00 -3.52 6.49
N SER B 188 12.12 -4.47 6.16
N SER B 188 12.12 -4.48 6.17
CA SER B 188 12.54 -5.74 5.59
CA SER B 188 12.54 -5.73 5.57
C SER B 188 11.47 -6.27 4.65
C SER B 188 11.46 -6.21 4.62
N LEU B 189 11.87 -6.76 3.48
CA LEU B 189 10.94 -7.40 2.59
C LEU B 189 11.52 -8.65 1.96
N SER B 190 10.64 -9.46 1.40
CA SER B 190 11.06 -10.65 0.70
CA SER B 190 11.06 -10.66 0.70
C SER B 190 10.53 -10.63 -0.72
N SER B 191 11.26 -11.27 -1.62
CA SER B 191 10.81 -11.46 -2.99
C SER B 191 11.04 -12.92 -3.32
N VAL B 192 10.02 -13.58 -3.85
CA VAL B 192 10.14 -14.99 -4.18
C VAL B 192 9.73 -15.27 -5.62
N VAL B 193 10.14 -16.43 -6.11
CA VAL B 193 9.71 -16.88 -7.42
C VAL B 193 9.59 -18.41 -7.39
N THR B 194 8.60 -18.94 -8.08
CA THR B 194 8.47 -20.38 -8.21
C THR B 194 8.94 -20.80 -9.60
N VAL B 195 9.73 -21.87 -9.64
CA VAL B 195 10.34 -22.34 -10.88
C VAL B 195 10.24 -23.86 -10.95
N PRO B 196 10.42 -24.44 -12.15
CA PRO B 196 10.49 -25.90 -12.22
C PRO B 196 11.67 -26.42 -11.41
N SER B 197 11.45 -27.47 -10.62
N SER B 197 11.45 -27.47 -10.62
CA SER B 197 12.51 -28.06 -9.80
CA SER B 197 12.51 -28.06 -9.80
C SER B 197 13.65 -28.57 -10.67
C SER B 197 13.65 -28.60 -10.66
N SER B 198 13.33 -28.96 -11.89
CA SER B 198 14.33 -29.49 -12.82
C SER B 198 15.31 -28.42 -13.31
N SER B 199 14.94 -27.16 -13.12
CA SER B 199 15.77 -26.05 -13.58
C SER B 199 16.85 -25.68 -12.57
N LEU B 200 16.73 -26.19 -11.36
CA LEU B 200 17.62 -25.82 -10.27
C LEU B 200 19.08 -26.20 -10.52
N GLY B 201 19.29 -27.26 -11.28
CA GLY B 201 20.64 -27.72 -11.56
C GLY B 201 21.28 -27.03 -12.75
N THR B 202 20.46 -26.33 -13.54
CA THR B 202 20.95 -25.75 -14.78
C THR B 202 20.82 -24.23 -14.86
N GLN B 203 19.72 -23.69 -14.35
CA GLN B 203 19.43 -22.27 -14.49
C GLN B 203 19.99 -21.45 -13.32
N THR B 204 20.57 -20.30 -13.63
CA THR B 204 21.04 -19.38 -12.60
C THR B 204 19.92 -18.42 -12.21
N TYR B 205 19.79 -18.17 -10.92
CA TYR B 205 18.79 -17.22 -10.42
C TYR B 205 19.47 -16.12 -9.62
N ILE B 206 19.21 -14.88 -10.02
CA ILE B 206 19.82 -13.74 -9.38
C ILE B 206 18.75 -12.71 -9.10
N CYS B 207 18.69 -12.23 -7.86
CA CYS B 207 17.76 -11.16 -7.54
CA CYS B 207 17.78 -11.18 -7.43
C CYS B 207 18.48 -9.82 -7.56
N ASN B 208 17.86 -8.87 -8.26
CA ASN B 208 18.44 -7.55 -8.41
C ASN B 208 17.70 -6.56 -7.54
N VAL B 209 18.38 -6.07 -6.53
CA VAL B 209 17.78 -5.20 -5.52
C VAL B 209 18.27 -3.78 -5.69
N ASN B 210 17.34 -2.83 -5.75
CA ASN B 210 17.69 -1.42 -5.88
C ASN B 210 17.08 -0.62 -4.73
N HIS B 211 17.94 -0.03 -3.91
CA HIS B 211 17.50 0.86 -2.85
C HIS B 211 17.99 2.27 -3.13
N LYS B 212 17.22 2.99 -3.94
CA LYS B 212 17.58 4.35 -4.34
C LYS B 212 17.90 5.34 -3.22
N PRO B 213 17.14 5.32 -2.10
CA PRO B 213 17.43 6.30 -1.05
C PRO B 213 18.86 6.25 -0.48
N SER B 214 19.53 5.10 -0.59
CA SER B 214 20.90 4.99 -0.11
C SER B 214 21.88 4.76 -1.25
N ASN B 215 21.39 4.86 -2.48
N ASN B 215 21.38 4.87 -2.49
CA ASN B 215 22.20 4.61 -3.67
CA ASN B 215 22.19 4.60 -3.67
C ASN B 215 22.86 3.23 -3.61
C ASN B 215 22.84 3.23 -3.63
N THR B 216 22.10 2.25 -3.10
CA THR B 216 22.60 0.89 -2.97
C THR B 216 21.94 -0.03 -3.98
N LYS B 217 22.75 -0.76 -4.72
CA LYS B 217 22.24 -1.80 -5.61
C LYS B 217 22.97 -3.10 -5.28
N VAL B 218 22.21 -4.20 -5.23
CA VAL B 218 22.79 -5.51 -4.96
C VAL B 218 22.25 -6.55 -5.94
N ASP B 219 23.16 -7.33 -6.51
CA ASP B 219 22.80 -8.51 -7.29
C ASP B 219 23.19 -9.75 -6.51
N LYS B 220 22.20 -10.53 -6.11
CA LYS B 220 22.41 -11.68 -5.24
C LYS B 220 22.06 -13.00 -5.94
N LYS B 221 23.06 -13.84 -6.17
CA LYS B 221 22.82 -15.15 -6.73
C LYS B 221 22.25 -16.08 -5.67
N VAL B 222 21.18 -16.78 -6.02
CA VAL B 222 20.55 -17.71 -5.09
C VAL B 222 20.72 -19.14 -5.59
N GLU B 223 21.45 -19.94 -4.83
CA GLU B 223 21.76 -21.31 -5.23
C GLU B 223 21.08 -22.32 -4.31
N PRO B 224 20.80 -23.53 -4.82
CA PRO B 224 20.22 -24.57 -3.99
C PRO B 224 21.24 -25.16 -3.02
C1 GOL C . -16.59 -5.96 6.64
O1 GOL C . -15.61 -5.77 5.64
C2 GOL C . -17.93 -5.45 6.13
O2 GOL C . -18.91 -6.45 6.28
C3 GOL C . -18.35 -4.20 6.90
O3 GOL C . -19.65 -3.83 6.52
C1 GOL D . -22.19 14.31 -15.37
C1 GOL D . -25.67 13.41 -14.02
O1 GOL D . -22.02 15.24 -14.32
O1 GOL D . -26.86 14.08 -14.39
C2 GOL D . -23.62 13.78 -15.41
C2 GOL D . -25.24 12.48 -15.15
O2 GOL D . -24.05 13.69 -16.74
O2 GOL D . -25.93 12.85 -16.33
C3 GOL D . -23.65 12.40 -14.77
C3 GOL D . -25.59 11.04 -14.78
O3 GOL D . -24.98 11.92 -14.74
O3 GOL D . -25.13 10.18 -15.80
C1 GOL E . 24.64 -19.34 2.28
O1 GOL E . 25.03 -18.18 2.98
C2 GOL E . 23.52 -20.03 3.04
O2 GOL E . 23.87 -21.36 3.34
C3 GOL E . 22.23 -19.99 2.24
O3 GOL E . 22.19 -21.07 1.33
C1 GOL F . 13.24 -18.10 22.48
O1 GOL F . 13.28 -16.70 22.70
C2 GOL F . 12.14 -18.42 21.48
O2 GOL F . 11.65 -17.23 20.91
C3 GOL F . 12.73 -19.30 20.38
O3 GOL F . 13.43 -20.37 20.99
S SO4 G . -19.82 1.54 -19.81
O1 SO4 G . -20.62 2.73 -19.58
O2 SO4 G . -18.97 1.73 -20.99
O3 SO4 G . -18.97 1.31 -18.64
O4 SO4 G . -20.69 0.38 -20.02
C1 GOL H . 7.93 -9.79 3.56
O1 GOL H . 8.07 -8.59 2.82
C2 GOL H . 8.11 -9.48 5.05
O2 GOL H . 9.47 -9.24 5.31
C3 GOL H . 7.61 -10.66 5.89
O3 GOL H . 8.25 -11.85 5.51
C1 GOL I . -15.50 18.04 -13.63
O1 GOL I . -15.78 19.38 -13.98
C2 GOL I . -15.93 17.11 -14.75
O2 GOL I . -14.89 16.20 -15.03
C3 GOL I . -16.24 17.94 -15.99
O3 GOL I . -16.49 17.09 -17.09
C1 GOL J . 7.63 -2.34 0.07
O1 GOL J . 6.52 -1.86 0.78
C2 GOL J . 7.41 -2.20 -1.42
O2 GOL J . 7.14 -3.48 -1.96
C3 GOL J . 8.68 -1.64 -2.02
O3 GOL J . 9.36 -0.82 -1.08
C1 GOL K . 5.70 9.22 -5.74
O1 GOL K . 6.09 8.61 -6.96
C2 GOL K . 4.89 8.23 -4.91
O2 GOL K . 3.52 8.51 -5.06
C3 GOL K . 5.27 8.37 -3.44
O3 GOL K . 5.59 7.10 -2.93
S SO4 L . -3.39 32.49 -13.99
O1 SO4 L . -3.52 33.26 -12.76
O2 SO4 L . -3.88 33.29 -15.12
O3 SO4 L . -1.99 32.15 -14.21
O4 SO4 L . -4.18 31.27 -13.90
#